data_8IDX
#
_entry.id   8IDX
#
_cell.length_a   48.638
_cell.length_b   51.121
_cell.length_c   56.578
_cell.angle_alpha   103.15
_cell.angle_beta   105.17
_cell.angle_gamma   108.29
#
_symmetry.space_group_name_H-M   'P 1'
#
loop_
_entity.id
_entity.type
_entity.pdbx_description
1 polymer 'Interferon-activable protein 205-B'
2 non-polymer DI(HYDROXYETHYL)ETHER
3 non-polymer 1,2-ETHANEDIOL
4 non-polymer 'TRIETHYLENE GLYCOL'
5 water water
#
_entity_poly.entity_id   1
_entity_poly.type   'polypeptide(L)'
_entity_poly.pdbx_seq_one_letter_code
;GSVDPQNQNIPRGAVLHSEPLTVMVLTATDPFEYESPEHEVKNMFHATVATVSQYFHVKVFNIDLKEKFTKNNFITISNY
FESKGILEINETSSVLEAAPKQMIEVPNCITRNANASPKICDIQKGTSGTVFYGVFTLHKKKVKTQNTSYEIKDGSGSIE
VVGSGQWHNINCKEGDKLHLFCFHLKRERGQPKLVCGDHSFVKVTKAGKKKEASTVQAAAS
;
_entity_poly.pdbx_strand_id   A,B
#
loop_
_chem_comp.id
_chem_comp.type
_chem_comp.name
_chem_comp.formula
EDO non-polymer 1,2-ETHANEDIOL 'C2 H6 O2'
PEG non-polymer DI(HYDROXYETHYL)ETHER 'C4 H10 O3'
PGE non-polymer 'TRIETHYLENE GLYCOL' 'C6 H14 O4'
#
# COMPACT_ATOMS: atom_id res chain seq x y z
N ALA A 14 -11.75 2.03 -20.71
CA ALA A 14 -10.56 1.44 -21.33
C ALA A 14 -10.08 2.30 -22.49
N VAL A 15 -8.80 2.66 -22.50
CA VAL A 15 -8.22 3.54 -23.50
C VAL A 15 -7.21 2.76 -24.33
N LEU A 16 -7.18 3.04 -25.63
CA LEU A 16 -6.30 2.35 -26.58
C LEU A 16 -5.00 3.12 -26.74
N HIS A 17 -3.88 2.39 -26.66
CA HIS A 17 -2.55 2.96 -26.83
C HIS A 17 -1.93 2.39 -28.11
N SER A 18 -1.91 3.20 -29.16
CA SER A 18 -1.36 2.75 -30.46
C SER A 18 0.15 3.01 -30.52
N GLU A 19 0.66 3.86 -29.64
CA GLU A 19 2.10 4.21 -29.65
C GLU A 19 2.92 3.05 -29.08
N PRO A 20 4.01 2.60 -29.74
CA PRO A 20 4.84 1.52 -29.22
C PRO A 20 5.44 1.90 -27.86
N LEU A 21 5.49 0.92 -26.97
CA LEU A 21 6.03 1.09 -25.62
C LEU A 21 6.96 -0.09 -25.35
N THR A 22 8.22 0.19 -25.03
CA THR A 22 9.19 -0.85 -24.76
C THR A 22 9.32 -1.05 -23.26
N VAL A 23 9.22 -2.30 -22.81
CA VAL A 23 9.28 -2.64 -21.40
C VAL A 23 10.16 -3.87 -21.22
N MET A 24 10.61 -4.08 -19.98
CA MET A 24 11.25 -5.34 -19.60
C MET A 24 10.26 -6.16 -18.79
N VAL A 25 10.16 -7.45 -19.12
CA VAL A 25 9.29 -8.34 -18.37
C VAL A 25 9.93 -8.65 -17.02
N LEU A 26 9.17 -8.51 -15.96
CA LEU A 26 9.60 -8.82 -14.60
C LEU A 26 9.13 -10.20 -14.17
N THR A 27 7.82 -10.44 -14.21
CA THR A 27 7.20 -11.68 -13.75
C THR A 27 6.07 -12.05 -14.69
N ALA A 28 5.71 -13.34 -14.70
CA ALA A 28 4.51 -13.76 -15.40
C ALA A 28 3.99 -15.03 -14.73
N THR A 29 2.68 -15.16 -14.64
CA THR A 29 2.09 -16.36 -14.05
C THR A 29 2.01 -17.47 -15.07
N ASP A 30 1.71 -18.66 -14.57
CA ASP A 30 1.21 -19.73 -15.41
C ASP A 30 -0.07 -19.30 -16.11
N PRO A 31 -0.32 -19.82 -17.31
CA PRO A 31 -1.64 -19.66 -17.93
C PRO A 31 -2.73 -20.31 -17.09
N PHE A 32 -3.93 -19.75 -17.17
CA PHE A 32 -5.09 -20.32 -16.49
C PHE A 32 -6.33 -20.03 -17.32
N GLU A 33 -7.37 -20.82 -17.09
CA GLU A 33 -8.63 -20.66 -17.86
C GLU A 33 -9.49 -19.54 -17.28
N TYR A 34 -10.14 -18.82 -18.18
CA TYR A 34 -11.10 -17.78 -17.84
C TYR A 34 -12.20 -17.79 -18.90
N GLU A 35 -13.28 -17.06 -18.63
CA GLU A 35 -14.38 -16.94 -19.61
C GLU A 35 -14.13 -15.68 -20.44
N SER A 36 -14.09 -15.81 -21.77
CA SER A 36 -13.82 -14.69 -22.69
C SER A 36 -15.04 -13.80 -22.79
N PRO A 37 -14.87 -12.58 -23.36
CA PRO A 37 -16.04 -11.73 -23.61
C PRO A 37 -17.08 -12.36 -24.52
N GLU A 38 -16.63 -13.34 -25.30
CA GLU A 38 -17.50 -14.11 -26.22
C GLU A 38 -17.95 -15.41 -25.55
N HIS A 39 -17.72 -15.52 -24.23
CA HIS A 39 -18.29 -16.58 -23.40
C HIS A 39 -17.84 -17.95 -23.87
N GLU A 40 -16.52 -18.06 -24.07
CA GLU A 40 -15.83 -19.31 -24.42
C GLU A 40 -14.66 -19.48 -23.44
N VAL A 41 -14.35 -20.70 -23.06
CA VAL A 41 -13.23 -20.96 -22.18
C VAL A 41 -11.93 -20.69 -22.95
N LYS A 42 -11.14 -19.75 -22.45
CA LYS A 42 -9.84 -19.48 -23.04
C LYS A 42 -8.81 -19.35 -21.92
N ASN A 43 -7.55 -19.18 -22.29
CA ASN A 43 -6.47 -19.08 -21.32
C ASN A 43 -5.89 -17.67 -21.34
N MET A 44 -5.47 -17.23 -20.17
CA MET A 44 -4.78 -15.94 -20.03
C MET A 44 -3.66 -16.12 -19.02
N PHE A 45 -2.84 -15.09 -18.86
CA PHE A 45 -1.91 -15.06 -17.76
C PHE A 45 -1.70 -13.62 -17.34
N HIS A 46 -1.19 -13.45 -16.12
CA HIS A 46 -0.83 -12.15 -15.57
C HIS A 46 0.66 -11.91 -15.71
N ALA A 47 1.05 -10.64 -15.88
CA ALA A 47 2.46 -10.33 -15.93
C ALA A 47 2.69 -8.99 -15.25
N THR A 48 3.93 -8.75 -14.84
CA THR A 48 4.39 -7.39 -14.54
C THR A 48 5.56 -7.04 -15.45
N VAL A 49 5.59 -5.77 -15.89
CA VAL A 49 6.63 -5.27 -16.78
C VAL A 49 7.06 -3.90 -16.26
N ALA A 50 8.16 -3.41 -16.81
CA ALA A 50 8.73 -2.16 -16.30
C ALA A 50 9.38 -1.35 -17.41
N THR A 51 9.21 -0.03 -17.32
CA THR A 51 10.06 0.92 -18.02
C THR A 51 11.15 1.40 -17.07
N VAL A 52 11.89 2.43 -17.49
CA VAL A 52 12.91 2.98 -16.61
C VAL A 52 12.29 3.67 -15.39
N SER A 53 11.01 4.04 -15.47
CA SER A 53 10.41 4.85 -14.41
C SER A 53 9.14 4.31 -13.77
N GLN A 54 8.58 3.19 -14.25
CA GLN A 54 7.35 2.70 -13.64
C GLN A 54 7.17 1.23 -13.99
N TYR A 55 6.56 0.47 -13.08
CA TYR A 55 6.13 -0.89 -13.41
C TYR A 55 4.64 -0.91 -13.68
N PHE A 56 4.19 -1.95 -14.41
CA PHE A 56 2.78 -2.08 -14.75
C PHE A 56 2.37 -3.53 -14.57
N HIS A 57 1.15 -3.72 -14.09
CA HIS A 57 0.47 -5.00 -14.18
C HIS A 57 -0.12 -5.15 -15.57
N VAL A 58 -0.03 -6.35 -16.13
CA VAL A 58 -0.47 -6.62 -17.49
C VAL A 58 -1.32 -7.89 -17.48
N LYS A 59 -2.48 -7.82 -18.13
CA LYS A 59 -3.30 -9.01 -18.39
C LYS A 59 -3.12 -9.38 -19.85
N VAL A 60 -2.68 -10.61 -20.10
CA VAL A 60 -2.39 -11.07 -21.46
C VAL A 60 -3.41 -12.13 -21.83
N PHE A 61 -4.23 -11.83 -22.83
CA PHE A 61 -5.33 -12.68 -23.27
C PHE A 61 -4.98 -13.46 -24.52
N ASN A 62 -3.73 -13.44 -24.94
CA ASN A 62 -3.24 -14.22 -26.08
C ASN A 62 -2.19 -15.18 -25.54
N ILE A 63 -2.59 -16.43 -25.35
CA ILE A 63 -1.72 -17.44 -24.77
C ILE A 63 -0.46 -17.68 -25.60
N ASP A 64 -0.49 -17.36 -26.89
CA ASP A 64 0.68 -17.55 -27.74
C ASP A 64 1.83 -16.63 -27.37
N LEU A 65 1.61 -15.63 -26.53
CA LEU A 65 2.63 -14.68 -26.13
C LEU A 65 3.38 -15.09 -24.88
N LYS A 66 3.11 -16.28 -24.34
CA LYS A 66 3.68 -16.64 -23.05
C LYS A 66 5.20 -16.67 -23.12
N GLU A 67 5.77 -17.20 -24.21
CA GLU A 67 7.22 -17.25 -24.30
C GLU A 67 7.83 -15.85 -24.33
N LYS A 68 7.16 -14.91 -25.01
CA LYS A 68 7.64 -13.53 -24.99
C LYS A 68 7.64 -12.95 -23.59
N PHE A 69 6.70 -13.37 -22.73
CA PHE A 69 6.63 -12.82 -21.37
C PHE A 69 7.42 -13.72 -20.41
N THR A 70 8.74 -13.76 -20.64
CA THR A 70 9.69 -14.43 -19.77
C THR A 70 10.54 -13.38 -19.08
N LYS A 71 10.89 -13.64 -17.81
CA LYS A 71 11.66 -12.70 -17.00
C LYS A 71 12.89 -12.23 -17.77
N ASN A 72 13.08 -10.91 -17.76
CA ASN A 72 14.19 -10.17 -18.35
C ASN A 72 14.09 -10.04 -19.87
N ASN A 73 13.03 -10.52 -20.51
CA ASN A 73 12.84 -10.23 -21.92
C ASN A 73 12.43 -8.78 -22.11
N PHE A 74 12.98 -8.14 -23.15
CA PHE A 74 12.60 -6.79 -23.53
C PHE A 74 11.64 -6.87 -24.71
N ILE A 75 10.46 -6.28 -24.56
CA ILE A 75 9.42 -6.36 -25.58
C ILE A 75 8.88 -4.98 -25.86
N THR A 76 8.35 -4.80 -27.06
CA THR A 76 7.70 -3.57 -27.48
C THR A 76 6.23 -3.89 -27.75
N ILE A 77 5.34 -3.23 -27.04
CA ILE A 77 3.90 -3.48 -27.13
C ILE A 77 3.23 -2.29 -27.79
N SER A 78 2.27 -2.58 -28.67
CA SER A 78 1.49 -1.53 -29.31
C SER A 78 0.05 -2.03 -29.46
N ASN A 79 -0.87 -1.06 -29.59
CA ASN A 79 -2.29 -1.37 -29.69
C ASN A 79 -2.73 -2.23 -28.51
N TYR A 80 -2.33 -1.79 -27.32
CA TYR A 80 -2.78 -2.36 -26.06
C TYR A 80 -3.75 -1.39 -25.41
N PHE A 81 -4.38 -1.85 -24.33
CA PHE A 81 -5.40 -1.06 -23.65
C PHE A 81 -5.01 -0.86 -22.20
N GLU A 82 -5.59 0.16 -21.60
CA GLU A 82 -5.37 0.47 -20.20
C GLU A 82 -6.73 0.64 -19.53
N SER A 83 -6.89 0.02 -18.36
CA SER A 83 -8.12 0.14 -17.59
C SER A 83 -7.76 0.01 -16.12
N LYS A 84 -8.12 1.02 -15.33
CA LYS A 84 -7.77 1.07 -13.91
C LYS A 84 -6.25 0.95 -13.71
N GLY A 85 -5.50 1.52 -14.65
CA GLY A 85 -4.05 1.48 -14.58
C GLY A 85 -3.41 0.16 -14.94
N ILE A 86 -4.20 -0.81 -15.39
CA ILE A 86 -3.70 -2.13 -15.75
C ILE A 86 -3.69 -2.24 -17.27
N LEU A 87 -2.60 -2.78 -17.82
CA LEU A 87 -2.50 -2.92 -19.29
C LEU A 87 -3.18 -4.23 -19.72
N GLU A 88 -3.89 -4.17 -20.84
CA GLU A 88 -4.57 -5.37 -21.37
C GLU A 88 -4.00 -5.65 -22.75
N ILE A 89 -3.54 -6.86 -22.97
CA ILE A 89 -2.98 -7.28 -24.28
C ILE A 89 -3.87 -8.40 -24.82
N ASN A 90 -4.40 -8.23 -26.02
CA ASN A 90 -5.24 -9.27 -26.60
C ASN A 90 -4.79 -9.56 -28.02
N GLU A 91 -5.62 -10.29 -28.76
CA GLU A 91 -5.28 -10.76 -30.12
C GLU A 91 -5.03 -9.58 -31.07
N THR A 92 -5.67 -8.44 -30.86
CA THR A 92 -5.47 -7.29 -31.73
C THR A 92 -4.23 -6.48 -31.37
N SER A 93 -3.60 -6.78 -30.24
CA SER A 93 -2.37 -6.11 -29.83
C SER A 93 -1.17 -6.71 -30.56
N SER A 94 -0.09 -5.95 -30.59
CA SER A 94 1.19 -6.40 -31.11
C SER A 94 2.19 -6.48 -29.98
N VAL A 95 2.91 -7.60 -29.90
CA VAL A 95 3.99 -7.78 -28.93
C VAL A 95 5.16 -8.38 -29.67
N LEU A 96 6.22 -7.59 -29.83
CA LEU A 96 7.43 -8.04 -30.51
C LEU A 96 8.61 -7.87 -29.57
N GLU A 97 9.65 -8.68 -29.80
CA GLU A 97 10.89 -8.47 -29.06
C GLU A 97 11.39 -7.05 -29.34
N ALA A 98 12.04 -6.47 -28.34
CA ALA A 98 12.53 -5.12 -28.49
C ALA A 98 13.87 -5.11 -29.20
N ALA A 99 14.11 -4.04 -29.98
CA ALA A 99 15.42 -3.88 -30.58
C ALA A 99 16.43 -3.47 -29.52
N PRO A 100 17.69 -3.90 -29.65
CA PRO A 100 18.75 -3.48 -28.71
C PRO A 100 18.74 -2.02 -28.33
N LYS A 101 18.74 -1.10 -29.30
CA LYS A 101 18.84 0.31 -28.95
C LYS A 101 17.54 0.90 -28.44
N GLN A 102 16.46 0.11 -28.33
CA GLN A 102 15.26 0.54 -27.64
C GLN A 102 15.23 0.11 -26.18
N MET A 103 16.21 -0.67 -25.73
CA MET A 103 16.20 -1.21 -24.38
C MET A 103 16.92 -0.28 -23.43
N ILE A 104 16.34 -0.10 -22.25
CA ILE A 104 16.89 0.75 -21.22
C ILE A 104 16.86 -0.02 -19.90
N GLU A 105 17.96 0.01 -19.19
CA GLU A 105 18.11 -0.72 -17.92
C GLU A 105 17.05 -0.25 -16.91
N VAL A 106 16.32 -1.21 -16.33
CA VAL A 106 15.32 -0.96 -15.31
C VAL A 106 16.03 -0.82 -13.97
N PRO A 107 15.93 0.31 -13.28
CA PRO A 107 16.57 0.43 -11.96
C PRO A 107 16.02 -0.60 -11.00
N ASN A 108 16.91 -1.14 -10.17
CA ASN A 108 16.48 -2.17 -9.21
C ASN A 108 15.35 -1.67 -8.31
N CYS A 109 15.28 -0.36 -8.07
CA CYS A 109 14.24 0.18 -7.21
C CYS A 109 12.85 -0.02 -7.84
N ILE A 110 12.76 0.06 -9.17
CA ILE A 110 11.48 -0.21 -9.82
C ILE A 110 11.07 -1.66 -9.61
N THR A 111 12.02 -2.57 -9.77
CA THR A 111 11.72 -3.99 -9.67
C THR A 111 11.32 -4.36 -8.24
N ARG A 112 11.97 -3.75 -7.24
CA ARG A 112 11.59 -4.00 -5.85
C ARG A 112 10.18 -3.50 -5.56
N ASN A 113 9.84 -2.31 -6.04
CA ASN A 113 8.49 -1.78 -5.86
C ASN A 113 7.46 -2.68 -6.51
N ALA A 114 7.74 -3.18 -7.71
CA ALA A 114 6.81 -4.07 -8.39
C ALA A 114 6.53 -5.32 -7.59
N ASN A 115 7.52 -5.79 -6.81
CA ASN A 115 7.37 -7.00 -6.03
C ASN A 115 6.74 -6.77 -4.67
N ALA A 116 6.55 -5.53 -4.25
CA ALA A 116 6.02 -5.24 -2.92
C ALA A 116 4.50 -5.40 -2.89
N SER A 117 3.97 -6.00 -1.77
CA SER A 117 2.53 -6.09 -1.56
C SER A 117 1.99 -4.88 -0.79
N PRO A 118 0.76 -4.49 -1.08
CA PRO A 118 0.11 -3.45 -0.26
C PRO A 118 -0.19 -3.96 1.14
N LYS A 119 -0.22 -3.03 2.08
CA LYS A 119 -0.66 -3.35 3.44
C LYS A 119 -2.18 -3.43 3.46
N ILE A 120 -2.70 -4.35 4.26
CA ILE A 120 -4.15 -4.52 4.31
C ILE A 120 -4.82 -3.23 4.79
N CYS A 121 -4.19 -2.51 5.73
CA CYS A 121 -4.79 -1.24 6.15
C CYS A 121 -4.96 -0.29 4.97
N ASP A 122 -4.06 -0.34 3.98
CA ASP A 122 -4.20 0.55 2.84
C ASP A 122 -5.22 0.05 1.83
N ILE A 123 -5.36 -1.27 1.69
CA ILE A 123 -6.49 -1.79 0.90
C ILE A 123 -7.80 -1.32 1.49
N GLN A 124 -7.89 -1.32 2.83
CA GLN A 124 -9.13 -0.92 3.51
C GLN A 124 -9.50 0.52 3.24
N LYS A 125 -8.54 1.35 2.81
CA LYS A 125 -8.80 2.74 2.48
C LYS A 125 -9.33 2.92 1.06
N GLY A 126 -9.32 1.86 0.24
CA GLY A 126 -9.58 2.02 -1.18
C GLY A 126 -11.03 2.34 -1.49
N THR A 127 -11.24 2.96 -2.65
CA THR A 127 -12.59 3.21 -3.12
C THR A 127 -13.12 1.94 -3.77
N SER A 128 -14.44 1.76 -3.68
CA SER A 128 -15.04 0.57 -4.26
C SER A 128 -14.76 0.53 -5.75
N GLY A 129 -14.39 -0.64 -6.25
CA GLY A 129 -14.06 -0.82 -7.64
C GLY A 129 -12.58 -0.77 -7.97
N THR A 130 -11.74 -0.30 -7.06
CA THR A 130 -10.31 -0.39 -7.30
C THR A 130 -9.85 -1.86 -7.27
N VAL A 131 -8.67 -2.10 -7.82
CA VAL A 131 -8.15 -3.46 -8.03
C VAL A 131 -6.85 -3.61 -7.27
N PHE A 132 -6.65 -4.78 -6.64
CA PHE A 132 -5.46 -5.01 -5.83
C PHE A 132 -4.81 -6.35 -6.17
N TYR A 133 -3.49 -6.39 -6.02
CA TYR A 133 -2.64 -7.57 -6.16
C TYR A 133 -1.76 -7.66 -4.93
N GLY A 134 -1.39 -8.87 -4.53
CA GLY A 134 -0.43 -8.97 -3.43
C GLY A 134 -0.37 -10.39 -2.89
N VAL A 135 0.56 -10.58 -1.95
CA VAL A 135 0.75 -11.88 -1.28
C VAL A 135 0.45 -11.68 0.19
N PHE A 136 -0.44 -12.50 0.74
CA PHE A 136 -0.92 -12.32 2.11
C PHE A 136 -1.05 -13.65 2.81
N THR A 137 -0.89 -13.63 4.14
CA THR A 137 -1.00 -14.82 4.97
C THR A 137 -2.46 -15.14 5.24
N LEU A 138 -2.83 -16.42 5.10
CA LEU A 138 -4.19 -16.85 5.40
C LEU A 138 -4.37 -17.02 6.90
N HIS A 139 -5.38 -16.35 7.45
CA HIS A 139 -5.66 -16.49 8.88
C HIS A 139 -6.71 -17.57 9.13
N LYS A 140 -7.86 -17.46 8.49
CA LYS A 140 -8.96 -18.41 8.65
C LYS A 140 -9.69 -18.53 7.33
N LYS A 141 -10.38 -19.64 7.11
CA LYS A 141 -11.21 -19.73 5.93
C LYS A 141 -12.49 -20.48 6.26
N LYS A 142 -13.55 -20.12 5.54
CA LYS A 142 -14.85 -20.78 5.68
C LYS A 142 -15.33 -21.10 4.27
N VAL A 143 -15.40 -22.39 3.98
CA VAL A 143 -15.88 -22.86 2.68
C VAL A 143 -17.39 -22.96 2.77
N LYS A 144 -18.09 -22.17 1.95
CA LYS A 144 -19.54 -22.12 1.98
C LYS A 144 -20.09 -22.91 0.81
N THR A 145 -21.41 -22.83 0.62
CA THR A 145 -22.00 -23.71 -0.39
C THR A 145 -21.62 -23.28 -1.80
N GLN A 146 -21.47 -21.97 -2.01
CA GLN A 146 -21.20 -21.41 -3.33
C GLN A 146 -19.95 -20.56 -3.41
N ASN A 147 -19.37 -20.18 -2.29
CA ASN A 147 -18.14 -19.40 -2.33
C ASN A 147 -17.36 -19.72 -1.08
N THR A 148 -16.17 -19.16 -1.00
CA THR A 148 -15.28 -19.36 0.14
C THR A 148 -14.77 -17.99 0.56
N SER A 149 -14.78 -17.77 1.87
CA SER A 149 -14.24 -16.55 2.46
C SER A 149 -12.88 -16.87 3.07
N TYR A 150 -11.85 -16.16 2.59
CA TYR A 150 -10.47 -16.30 3.08
C TYR A 150 -10.18 -15.06 3.89
N GLU A 151 -10.02 -15.19 5.20
CA GLU A 151 -9.59 -14.04 5.99
C GLU A 151 -8.06 -13.96 5.97
N ILE A 152 -7.53 -12.89 5.38
CA ILE A 152 -6.10 -12.71 5.25
C ILE A 152 -5.69 -11.62 6.23
N LYS A 153 -4.45 -11.68 6.69
CA LYS A 153 -4.00 -10.79 7.75
C LYS A 153 -2.54 -10.43 7.54
N ASP A 154 -2.20 -9.22 7.99
CA ASP A 154 -0.82 -8.82 8.17
C ASP A 154 -0.76 -7.99 9.45
N GLY A 155 0.41 -7.41 9.73
CA GLY A 155 0.52 -6.60 10.92
C GLY A 155 -0.41 -5.40 10.96
N SER A 156 -0.98 -5.02 9.81
CA SER A 156 -1.78 -3.80 9.72
C SER A 156 -3.27 -4.04 9.78
N GLY A 157 -3.74 -5.29 9.68
CA GLY A 157 -5.15 -5.55 9.78
C GLY A 157 -5.49 -6.84 9.06
N SER A 158 -6.79 -7.09 8.97
CA SER A 158 -7.28 -8.29 8.30
C SER A 158 -8.44 -7.93 7.39
N ILE A 159 -8.64 -8.70 6.32
CA ILE A 159 -9.70 -8.41 5.38
C ILE A 159 -10.21 -9.72 4.81
N GLU A 160 -11.49 -9.74 4.46
CA GLU A 160 -12.12 -10.93 3.85
C GLU A 160 -11.88 -10.92 2.33
N VAL A 161 -11.48 -12.06 1.80
CA VAL A 161 -11.30 -12.28 0.37
C VAL A 161 -12.31 -13.35 -0.03
N VAL A 162 -13.10 -13.06 -1.06
CA VAL A 162 -14.19 -13.97 -1.45
C VAL A 162 -13.85 -14.58 -2.80
N GLY A 163 -13.77 -15.91 -2.85
CA GLY A 163 -13.43 -16.63 -4.06
C GLY A 163 -14.57 -17.55 -4.47
N SER A 164 -14.84 -17.59 -5.77
CA SER A 164 -15.85 -18.46 -6.35
C SER A 164 -15.24 -19.16 -7.55
N GLY A 165 -15.96 -20.17 -8.06
CA GLY A 165 -15.44 -20.87 -9.23
C GLY A 165 -14.16 -21.62 -8.89
N GLN A 166 -13.14 -21.47 -9.73
CA GLN A 166 -11.90 -22.16 -9.40
C GLN A 166 -11.16 -21.52 -8.22
N TRP A 167 -11.63 -20.38 -7.70
CA TRP A 167 -11.09 -19.79 -6.49
C TRP A 167 -11.93 -20.10 -5.26
N HIS A 168 -12.90 -21.00 -5.40
CA HIS A 168 -13.63 -21.54 -4.26
C HIS A 168 -12.94 -22.80 -3.76
N ASN A 169 -12.90 -22.97 -2.44
CA ASN A 169 -12.38 -24.21 -1.84
C ASN A 169 -10.95 -24.50 -2.28
N ILE A 170 -10.16 -23.43 -2.43
CA ILE A 170 -8.76 -23.58 -2.79
C ILE A 170 -8.07 -24.42 -1.74
N ASN A 171 -7.18 -25.32 -2.18
CA ASN A 171 -6.42 -26.16 -1.26
C ASN A 171 -5.39 -25.28 -0.54
N CYS A 172 -5.67 -24.96 0.72
CA CYS A 172 -4.77 -24.12 1.50
C CYS A 172 -5.10 -24.32 2.97
N LYS A 173 -4.22 -23.83 3.83
CA LYS A 173 -4.46 -23.93 5.27
C LYS A 173 -3.92 -22.68 5.95
N GLU A 174 -4.30 -22.52 7.21
CA GLU A 174 -3.86 -21.35 8.02
C GLU A 174 -2.34 -21.25 7.99
N GLY A 175 -1.83 -20.06 7.71
CA GLY A 175 -0.41 -19.83 7.62
C GLY A 175 0.15 -19.87 6.21
N ASP A 176 -0.54 -20.54 5.28
CA ASP A 176 -0.16 -20.49 3.88
C ASP A 176 -0.27 -19.05 3.38
N LYS A 177 0.41 -18.78 2.27
CA LYS A 177 0.38 -17.47 1.63
C LYS A 177 -0.48 -17.55 0.37
N LEU A 178 -1.43 -16.63 0.24
CA LEU A 178 -2.24 -16.51 -0.96
C LEU A 178 -1.71 -15.36 -1.79
N HIS A 179 -1.30 -15.67 -3.02
CA HIS A 179 -0.90 -14.66 -4.00
C HIS A 179 -2.14 -14.28 -4.80
N LEU A 180 -2.61 -13.06 -4.61
CA LEU A 180 -3.85 -12.60 -5.23
C LEU A 180 -3.52 -11.72 -6.42
N PHE A 181 -4.16 -12.00 -7.56
CA PHE A 181 -4.01 -11.19 -8.77
C PHE A 181 -5.38 -10.67 -9.19
N CYS A 182 -5.47 -9.35 -9.36
CA CYS A 182 -6.67 -8.68 -9.89
C CYS A 182 -7.92 -9.04 -9.09
N PHE A 183 -7.89 -8.71 -7.80
CA PHE A 183 -9.08 -8.78 -6.97
C PHE A 183 -9.68 -7.39 -6.82
N HIS A 184 -10.98 -7.35 -6.60
CA HIS A 184 -11.75 -6.10 -6.64
C HIS A 184 -12.25 -5.71 -5.27
N LEU A 185 -12.06 -4.46 -4.90
CA LEU A 185 -12.52 -3.98 -3.61
C LEU A 185 -14.00 -3.64 -3.68
N LYS A 186 -14.78 -4.16 -2.73
CA LYS A 186 -16.20 -3.88 -2.62
C LYS A 186 -16.50 -3.54 -1.17
N ARG A 187 -17.52 -2.72 -0.97
CA ARG A 187 -17.92 -2.28 0.36
C ARG A 187 -19.37 -2.67 0.60
N GLU A 188 -19.59 -3.44 1.67
CA GLU A 188 -20.94 -3.83 2.15
C GLU A 188 -21.04 -3.23 3.55
N ARG A 189 -21.93 -2.24 3.71
CA ARG A 189 -22.13 -1.56 5.02
C ARG A 189 -20.76 -1.09 5.50
N GLY A 190 -20.08 -0.29 4.68
CA GLY A 190 -18.75 0.24 4.99
C GLY A 190 -17.64 -0.79 4.90
N GLN A 191 -17.87 -1.99 5.46
CA GLN A 191 -16.86 -3.03 5.59
C GLN A 191 -16.26 -3.43 4.23
N PRO A 192 -15.00 -3.08 3.98
CA PRO A 192 -14.39 -3.43 2.70
C PRO A 192 -14.00 -4.91 2.66
N LYS A 193 -14.03 -5.46 1.45
CA LYS A 193 -13.54 -6.81 1.22
C LYS A 193 -13.05 -6.90 -0.21
N LEU A 194 -12.26 -7.93 -0.49
CA LEU A 194 -11.75 -8.20 -1.83
C LEU A 194 -12.56 -9.33 -2.44
N VAL A 195 -13.01 -9.15 -3.67
CA VAL A 195 -13.80 -10.20 -4.32
C VAL A 195 -13.17 -10.54 -5.67
N CYS A 196 -13.33 -11.80 -6.07
CA CYS A 196 -12.73 -12.18 -7.33
C CYS A 196 -13.59 -11.67 -8.50
N GLY A 197 -12.96 -11.58 -9.65
CA GLY A 197 -13.60 -11.13 -10.88
C GLY A 197 -13.24 -12.05 -12.02
N ASP A 198 -13.59 -11.66 -13.26
CA ASP A 198 -13.45 -12.59 -14.38
C ASP A 198 -12.00 -12.98 -14.64
N HIS A 199 -11.06 -12.09 -14.29
CA HIS A 199 -9.64 -12.30 -14.60
C HIS A 199 -8.80 -12.42 -13.34
N SER A 200 -9.41 -12.75 -12.19
CA SER A 200 -8.63 -13.02 -11.00
C SER A 200 -7.81 -14.30 -11.14
N PHE A 201 -6.78 -14.40 -10.31
CA PHE A 201 -5.93 -15.57 -10.23
C PHE A 201 -5.41 -15.67 -8.81
N VAL A 202 -5.28 -16.90 -8.31
CA VAL A 202 -4.72 -17.17 -7.00
C VAL A 202 -3.67 -18.26 -7.13
N LYS A 203 -2.52 -18.06 -6.49
CA LYS A 203 -1.63 -19.17 -6.26
C LYS A 203 -1.30 -19.22 -4.77
N VAL A 204 -0.94 -20.41 -4.30
CA VAL A 204 -0.73 -20.71 -2.90
C VAL A 204 0.73 -21.11 -2.72
N THR A 205 1.39 -20.55 -1.72
CA THR A 205 2.68 -21.06 -1.29
C THR A 205 2.53 -21.56 0.14
N LYS A 206 3.02 -22.76 0.40
CA LYS A 206 2.84 -23.37 1.71
C LYS A 206 3.78 -22.75 2.72
N ALA A 207 3.33 -22.74 3.97
CA ALA A 207 4.13 -22.22 5.08
C ALA A 207 3.54 -22.70 6.40
N ALA B 14 -14.01 8.06 17.47
CA ALA B 14 -12.90 7.86 18.43
C ALA B 14 -13.40 7.04 19.62
N VAL B 15 -12.87 5.82 19.79
CA VAL B 15 -13.32 4.94 20.85
C VAL B 15 -12.27 4.92 21.96
N LEU B 16 -12.74 4.91 23.21
CA LEU B 16 -11.86 4.85 24.37
C LEU B 16 -11.51 3.41 24.70
N HIS B 17 -10.24 3.18 25.04
CA HIS B 17 -9.74 1.86 25.41
C HIS B 17 -9.20 1.94 26.83
N SER B 18 -9.95 1.47 27.83
CA SER B 18 -9.38 1.56 29.19
C SER B 18 -8.56 0.29 29.50
N GLU B 19 -8.81 -0.82 28.81
CA GLU B 19 -8.02 -2.04 29.12
C GLU B 19 -6.55 -1.80 28.79
N PRO B 20 -5.59 -2.17 29.67
CA PRO B 20 -4.17 -1.98 29.39
C PRO B 20 -3.71 -2.81 28.17
N LEU B 21 -2.86 -2.21 27.34
CA LEU B 21 -2.33 -2.85 26.14
C LEU B 21 -0.82 -2.69 26.16
N THR B 22 -0.11 -3.81 26.16
CA THR B 22 1.35 -3.78 26.15
C THR B 22 1.86 -3.88 24.72
N VAL B 23 2.77 -2.97 24.37
CA VAL B 23 3.33 -2.87 23.03
C VAL B 23 4.83 -2.66 23.16
N MET B 24 5.54 -2.91 22.07
CA MET B 24 6.92 -2.48 21.96
C MET B 24 6.99 -1.29 21.02
N VAL B 25 7.74 -0.27 21.42
CA VAL B 25 7.88 0.91 20.59
C VAL B 25 8.85 0.59 19.46
N LEU B 26 8.44 0.89 18.22
CA LEU B 26 9.29 0.71 17.04
C LEU B 26 10.02 2.00 16.68
N THR B 27 9.28 3.10 16.54
CA THR B 27 9.85 4.38 16.16
C THR B 27 9.11 5.49 16.91
N ALA B 28 9.74 6.65 16.97
CA ALA B 28 9.13 7.84 17.53
C ALA B 28 9.85 9.07 16.98
N THR B 29 9.08 10.09 16.61
CA THR B 29 9.68 11.35 16.19
C THR B 29 9.98 12.23 17.41
N ASP B 30 10.81 13.24 17.17
CA ASP B 30 11.00 14.29 18.16
C ASP B 30 9.68 15.02 18.39
N PRO B 31 9.50 15.62 19.57
CA PRO B 31 8.34 16.49 19.77
C PRO B 31 8.39 17.68 18.82
N PHE B 32 7.22 18.17 18.43
CA PHE B 32 7.14 19.32 17.54
C PHE B 32 5.90 20.12 17.87
N GLU B 33 5.87 21.36 17.39
CA GLU B 33 4.74 22.24 17.69
C GLU B 33 3.66 22.09 16.63
N TYR B 34 2.41 22.15 17.06
CA TYR B 34 1.28 22.17 16.14
C TYR B 34 0.25 23.13 16.68
N GLU B 35 -0.76 23.40 15.87
CA GLU B 35 -1.79 24.38 16.18
C GLU B 35 -3.10 23.66 16.49
N SER B 36 -3.68 23.97 17.66
CA SER B 36 -4.94 23.38 18.08
C SER B 36 -6.09 23.97 17.26
N PRO B 37 -7.29 23.35 17.32
CA PRO B 37 -8.44 23.93 16.62
C PRO B 37 -8.85 25.29 17.15
N GLU B 38 -8.33 25.65 18.32
CA GLU B 38 -8.60 26.98 18.91
C GLU B 38 -7.39 27.88 18.69
N HIS B 39 -6.50 27.49 17.76
CA HIS B 39 -5.34 28.29 17.36
C HIS B 39 -4.38 28.54 18.52
N GLU B 40 -4.29 27.61 19.46
CA GLU B 40 -3.28 27.67 20.50
C GLU B 40 -2.15 26.73 20.12
N VAL B 41 -0.91 27.14 20.43
CA VAL B 41 0.23 26.32 20.07
C VAL B 41 0.43 25.23 21.11
N LYS B 42 0.54 23.99 20.65
CA LYS B 42 0.71 22.83 21.53
C LYS B 42 1.82 21.94 20.97
N ASN B 43 2.15 20.87 21.70
CA ASN B 43 3.24 19.99 21.29
C ASN B 43 2.74 18.55 21.22
N MET B 44 3.36 17.78 20.33
CA MET B 44 3.04 16.36 20.19
C MET B 44 4.22 15.65 19.57
N PHE B 45 4.12 14.32 19.44
CA PHE B 45 5.05 13.59 18.61
C PHE B 45 4.32 12.38 18.06
N HIS B 46 4.90 11.80 17.01
CA HIS B 46 4.39 10.58 16.38
C HIS B 46 5.20 9.38 16.85
N ALA B 47 4.54 8.22 16.87
CA ALA B 47 5.23 6.99 17.17
C ALA B 47 4.56 5.84 16.43
N THR B 48 5.28 4.74 16.32
CA THR B 48 4.73 3.47 15.85
C THR B 48 5.09 2.42 16.88
N VAL B 49 4.12 1.56 17.21
CA VAL B 49 4.29 0.52 18.23
C VAL B 49 3.74 -0.79 17.68
N ALA B 50 4.12 -1.88 18.35
CA ALA B 50 3.74 -3.20 17.85
C ALA B 50 3.41 -4.16 19.00
N THR B 51 2.47 -5.06 18.72
CA THR B 51 2.25 -6.28 19.47
C THR B 51 2.79 -7.45 18.66
N VAL B 52 2.51 -8.68 19.11
CA VAL B 52 2.95 -9.84 18.32
C VAL B 52 2.17 -9.97 17.03
N SER B 53 1.03 -9.30 16.91
CA SER B 53 0.15 -9.50 15.75
C SER B 53 -0.24 -8.23 15.00
N GLN B 54 0.03 -7.05 15.55
CA GLN B 54 -0.41 -5.80 14.94
C GLN B 54 0.62 -4.71 15.17
N TYR B 55 0.71 -3.76 14.24
CA TYR B 55 1.41 -2.51 14.52
C TYR B 55 0.43 -1.36 14.37
N PHE B 56 0.74 -0.25 15.03
CA PHE B 56 -0.13 0.91 15.07
C PHE B 56 0.69 2.18 14.99
N HIS B 57 0.18 3.15 14.24
CA HIS B 57 0.62 4.53 14.38
C HIS B 57 -0.02 5.14 15.62
N VAL B 58 0.73 5.99 16.31
CA VAL B 58 0.30 6.59 17.56
C VAL B 58 0.55 8.09 17.49
N LYS B 59 -0.44 8.88 17.89
CA LYS B 59 -0.24 10.30 18.09
C LYS B 59 -0.21 10.55 19.59
N VAL B 60 0.87 11.15 20.08
CA VAL B 60 1.08 11.32 21.51
C VAL B 60 1.09 12.82 21.80
N PHE B 61 0.09 13.27 22.55
CA PHE B 61 -0.10 14.69 22.81
C PHE B 61 0.46 15.13 24.14
N ASN B 62 1.04 14.22 24.90
CA ASN B 62 1.73 14.55 26.15
C ASN B 62 3.21 14.29 25.91
N ILE B 63 3.98 15.34 25.59
CA ILE B 63 5.38 15.13 25.24
C ILE B 63 6.23 14.78 26.44
N ASP B 64 5.69 14.90 27.67
CA ASP B 64 6.36 14.34 28.83
C ASP B 64 6.58 12.83 28.68
N LEU B 65 5.84 12.17 27.79
CA LEU B 65 5.95 10.73 27.61
C LEU B 65 7.05 10.34 26.64
N LYS B 66 7.81 11.30 26.10
CA LYS B 66 8.70 11.01 24.99
C LYS B 66 9.77 9.99 25.37
N GLU B 67 10.30 10.07 26.59
CA GLU B 67 11.34 9.14 27.00
C GLU B 67 10.84 7.70 27.00
N LYS B 68 9.56 7.49 27.36
CA LYS B 68 9.01 6.15 27.30
C LYS B 68 8.84 5.66 25.85
N PHE B 69 8.65 6.58 24.91
CA PHE B 69 8.51 6.20 23.49
C PHE B 69 9.87 6.27 22.81
N THR B 70 10.71 5.31 23.17
CA THR B 70 12.02 5.14 22.53
C THR B 70 12.09 3.75 21.93
N LYS B 71 12.92 3.63 20.89
CA LYS B 71 13.04 2.38 20.13
C LYS B 71 13.27 1.20 21.05
N ASN B 72 12.45 0.15 20.86
CA ASN B 72 12.52 -1.15 21.52
C ASN B 72 12.03 -1.14 22.97
N ASN B 73 11.50 -0.03 23.46
CA ASN B 73 10.98 0.01 24.82
C ASN B 73 9.62 -0.68 24.87
N PHE B 74 9.40 -1.50 25.89
CA PHE B 74 8.12 -2.15 26.11
C PHE B 74 7.30 -1.32 27.08
N ILE B 75 6.10 -0.91 26.68
CA ILE B 75 5.28 -0.02 27.48
C ILE B 75 3.86 -0.56 27.52
N THR B 76 3.14 -0.19 28.59
CA THR B 76 1.74 -0.56 28.74
C THR B 76 0.90 0.72 28.74
N ILE B 77 -0.06 0.79 27.82
CA ILE B 77 -0.86 1.98 27.61
C ILE B 77 -2.30 1.68 27.96
N SER B 78 -2.99 2.64 28.57
CA SER B 78 -4.38 2.45 28.91
C SER B 78 -5.07 3.80 28.84
N ASN B 79 -6.40 3.76 28.74
CA ASN B 79 -7.22 4.96 28.59
C ASN B 79 -6.73 5.79 27.40
N TYR B 80 -6.51 5.07 26.30
CA TYR B 80 -6.11 5.66 25.03
C TYR B 80 -7.28 5.60 24.06
N PHE B 81 -7.14 6.33 22.95
CA PHE B 81 -8.21 6.39 21.97
C PHE B 81 -7.74 5.81 20.65
N GLU B 82 -8.71 5.45 19.81
CA GLU B 82 -8.44 4.92 18.49
C GLU B 82 -9.38 5.59 17.50
N SER B 83 -8.83 6.06 16.39
CA SER B 83 -9.62 6.64 15.32
C SER B 83 -8.92 6.36 14.01
N LYS B 84 -9.66 5.78 13.05
CA LYS B 84 -9.11 5.43 11.74
C LYS B 84 -7.93 4.49 11.85
N GLY B 85 -7.92 3.63 12.87
CA GLY B 85 -6.82 2.71 13.09
C GLY B 85 -5.61 3.32 13.76
N ILE B 86 -5.65 4.62 14.08
CA ILE B 86 -4.54 5.33 14.68
C ILE B 86 -4.84 5.52 16.17
N LEU B 87 -3.85 5.25 17.01
CA LEU B 87 -4.00 5.40 18.45
C LEU B 87 -3.68 6.83 18.88
N GLU B 88 -4.41 7.31 19.88
CA GLU B 88 -4.19 8.68 20.43
C GLU B 88 -3.97 8.58 21.94
N ILE B 89 -2.87 9.17 22.39
CA ILE B 89 -2.53 9.22 23.82
C ILE B 89 -2.48 10.70 24.21
N ASN B 90 -3.31 11.07 25.19
CA ASN B 90 -3.25 12.44 25.68
C ASN B 90 -3.07 12.44 27.19
N GLU B 91 -3.23 13.60 27.83
CA GLU B 91 -2.98 13.75 29.29
C GLU B 91 -3.85 12.80 30.12
N THR B 92 -5.04 12.49 29.64
CA THR B 92 -5.92 11.58 30.36
C THR B 92 -5.50 10.12 30.21
N SER B 93 -4.52 9.83 29.35
CA SER B 93 -4.05 8.47 29.13
C SER B 93 -2.96 8.13 30.15
N SER B 94 -2.68 6.83 30.29
CA SER B 94 -1.57 6.39 31.11
C SER B 94 -0.62 5.56 30.25
N VAL B 95 0.68 5.83 30.38
CA VAL B 95 1.71 5.04 29.72
C VAL B 95 2.80 4.75 30.76
N LEU B 96 2.98 3.48 31.07
CA LEU B 96 3.95 3.01 32.04
C LEU B 96 4.87 2.00 31.37
N GLU B 97 6.06 1.80 31.94
CA GLU B 97 6.91 0.73 31.47
C GLU B 97 6.21 -0.61 31.63
N ALA B 98 6.45 -1.52 30.69
CA ALA B 98 5.82 -2.83 30.75
C ALA B 98 6.48 -3.70 31.81
N ALA B 99 5.68 -4.57 32.41
CA ALA B 99 6.25 -5.60 33.27
C ALA B 99 6.91 -6.67 32.40
N PRO B 100 8.00 -7.27 32.88
CA PRO B 100 8.68 -8.29 32.09
C PRO B 100 7.77 -9.41 31.57
N LYS B 101 6.73 -9.79 32.33
CA LYS B 101 5.93 -10.97 31.97
C LYS B 101 5.00 -10.74 30.77
N GLN B 102 4.76 -9.49 30.37
CA GLN B 102 4.02 -9.24 29.13
C GLN B 102 4.93 -8.71 28.03
N MET B 103 6.24 -8.75 28.23
CA MET B 103 7.21 -8.43 27.18
C MET B 103 7.37 -9.66 26.30
N ILE B 104 6.72 -9.64 25.14
CA ILE B 104 6.79 -10.74 24.18
C ILE B 104 7.50 -10.22 22.93
N GLU B 105 8.46 -11.00 22.44
CA GLU B 105 9.22 -10.59 21.27
C GLU B 105 8.28 -10.35 20.09
N VAL B 106 8.47 -9.23 19.41
CA VAL B 106 7.66 -8.91 18.24
C VAL B 106 8.23 -9.62 17.03
N PRO B 107 7.43 -10.37 16.27
CA PRO B 107 7.95 -11.10 15.13
C PRO B 107 8.51 -10.17 14.07
N ASN B 108 9.49 -10.68 13.32
CA ASN B 108 10.17 -9.86 12.33
C ASN B 108 9.22 -9.36 11.23
N CYS B 109 8.21 -10.16 10.89
CA CYS B 109 7.26 -9.74 9.86
C CYS B 109 6.50 -8.50 10.28
N ILE B 110 6.17 -8.39 11.57
CA ILE B 110 5.48 -7.21 12.07
C ILE B 110 6.35 -5.98 11.92
N THR B 111 7.63 -6.08 12.32
CA THR B 111 8.50 -4.92 12.26
C THR B 111 8.77 -4.49 10.83
N ARG B 112 8.92 -5.45 9.90
CA ARG B 112 9.16 -5.07 8.52
C ARG B 112 7.89 -4.53 7.85
N ASN B 113 6.72 -5.07 8.20
CA ASN B 113 5.49 -4.49 7.70
C ASN B 113 5.31 -3.06 8.21
N ALA B 114 5.60 -2.84 9.49
CA ALA B 114 5.46 -1.50 10.05
C ALA B 114 6.37 -0.51 9.34
N ASN B 115 7.57 -0.93 8.97
CA ASN B 115 8.53 -0.03 8.36
C ASN B 115 8.30 0.17 6.85
N ALA B 116 7.41 -0.60 6.24
CA ALA B 116 7.18 -0.47 4.81
C ALA B 116 6.31 0.75 4.50
N SER B 117 6.62 1.44 3.40
CA SER B 117 5.74 2.50 2.94
C SER B 117 4.72 1.99 1.95
N PRO B 118 3.56 2.64 1.88
CA PRO B 118 2.61 2.31 0.83
C PRO B 118 3.15 2.70 -0.54
N LYS B 119 2.75 1.94 -1.55
CA LYS B 119 3.02 2.30 -2.92
C LYS B 119 2.10 3.45 -3.33
N ILE B 120 2.64 4.38 -4.13
CA ILE B 120 1.84 5.54 -4.51
C ILE B 120 0.58 5.13 -5.28
N CYS B 121 0.67 4.10 -6.12
CA CYS B 121 -0.54 3.64 -6.81
C CYS B 121 -1.63 3.24 -5.83
N ASP B 122 -1.26 2.71 -4.68
CA ASP B 122 -2.29 2.34 -3.72
C ASP B 122 -2.83 3.56 -2.96
N ILE B 123 -1.99 4.58 -2.76
CA ILE B 123 -2.52 5.83 -2.22
C ILE B 123 -3.53 6.42 -3.17
N GLN B 124 -3.24 6.37 -4.48
CA GLN B 124 -4.14 6.93 -5.48
C GLN B 124 -5.49 6.23 -5.50
N LYS B 125 -5.57 5.01 -4.96
CA LYS B 125 -6.86 4.33 -4.87
C LYS B 125 -7.69 4.77 -3.68
N GLY B 126 -7.13 5.57 -2.75
CA GLY B 126 -7.79 5.78 -1.48
C GLY B 126 -9.01 6.67 -1.58
N THR B 127 -9.91 6.51 -0.61
CA THR B 127 -11.07 7.40 -0.52
C THR B 127 -10.65 8.73 0.09
N SER B 128 -11.28 9.80 -0.39
CA SER B 128 -10.99 11.13 0.14
C SER B 128 -11.15 11.15 1.65
N GLY B 129 -10.16 11.68 2.35
CA GLY B 129 -10.20 11.77 3.79
C GLY B 129 -9.42 10.70 4.52
N THR B 130 -8.99 9.64 3.84
CA THR B 130 -8.14 8.67 4.49
C THR B 130 -6.75 9.28 4.73
N VAL B 131 -5.97 8.60 5.57
CA VAL B 131 -4.74 9.14 6.12
C VAL B 131 -3.59 8.21 5.75
N PHE B 132 -2.46 8.80 5.37
CA PHE B 132 -1.31 8.04 4.91
C PHE B 132 -0.04 8.49 5.61
N TYR B 133 0.86 7.52 5.79
CA TYR B 133 2.22 7.72 6.26
C TYR B 133 3.17 7.02 5.30
N GLY B 134 4.40 7.49 5.21
CA GLY B 134 5.40 6.77 4.46
C GLY B 134 6.62 7.61 4.16
N VAL B 135 7.62 6.93 3.58
CA VAL B 135 8.87 7.55 3.16
C VAL B 135 8.95 7.47 1.64
N PHE B 136 9.18 8.62 1.00
CA PHE B 136 9.11 8.70 -0.45
C PHE B 136 10.23 9.58 -0.98
N THR B 137 10.66 9.27 -2.21
CA THR B 137 11.67 10.06 -2.88
C THR B 137 11.04 11.31 -3.50
N LEU B 138 11.67 12.46 -3.28
CA LEU B 138 11.18 13.71 -3.84
C LEU B 138 11.62 13.81 -5.30
N HIS B 139 10.67 13.95 -6.21
CA HIS B 139 10.96 14.07 -7.63
C HIS B 139 11.08 15.53 -8.08
N LYS B 140 10.12 16.36 -7.69
CA LYS B 140 10.10 17.76 -8.10
C LYS B 140 9.41 18.59 -7.02
N LYS B 141 9.85 19.83 -6.87
CA LYS B 141 9.31 20.69 -5.84
C LYS B 141 8.98 22.05 -6.46
N LYS B 142 7.83 22.62 -6.06
CA LYS B 142 7.46 23.96 -6.50
C LYS B 142 7.04 24.76 -5.27
N VAL B 143 7.89 25.70 -4.86
CA VAL B 143 7.57 26.59 -3.75
C VAL B 143 6.74 27.73 -4.31
N LYS B 144 5.50 27.83 -3.85
CA LYS B 144 4.61 28.88 -4.29
C LYS B 144 4.54 29.95 -3.21
N THR B 145 3.71 30.96 -3.43
CA THR B 145 3.52 31.97 -2.40
C THR B 145 2.73 31.43 -1.22
N GLN B 146 1.80 30.49 -1.47
CA GLN B 146 0.84 30.08 -0.46
C GLN B 146 1.09 28.69 0.13
N ASN B 147 1.84 27.85 -0.54
CA ASN B 147 2.24 26.55 -0.01
C ASN B 147 3.32 26.02 -0.93
N THR B 148 3.68 24.76 -0.72
CA THR B 148 4.68 24.09 -1.53
C THR B 148 4.08 22.78 -2.01
N SER B 149 4.23 22.51 -3.29
CA SER B 149 3.88 21.22 -3.87
C SER B 149 5.16 20.40 -3.99
N TYR B 150 5.16 19.23 -3.37
CA TYR B 150 6.23 18.23 -3.46
C TYR B 150 5.69 17.06 -4.29
N GLU B 151 6.24 16.86 -5.48
CA GLU B 151 5.88 15.67 -6.27
C GLU B 151 6.77 14.51 -5.83
N ILE B 152 6.16 13.47 -5.23
CA ILE B 152 6.88 12.28 -4.81
C ILE B 152 6.62 11.19 -5.84
N LYS B 153 7.58 10.29 -5.98
CA LYS B 153 7.53 9.27 -7.03
C LYS B 153 8.11 7.97 -6.50
N ASP B 154 7.49 6.85 -6.89
CA ASP B 154 8.13 5.57 -6.67
C ASP B 154 7.96 4.76 -7.95
N GLY B 155 8.32 3.49 -7.93
CA GLY B 155 8.14 2.73 -9.16
C GLY B 155 6.70 2.51 -9.59
N SER B 156 5.72 3.01 -8.85
CA SER B 156 4.31 2.72 -9.14
C SER B 156 3.51 3.94 -9.54
N GLY B 157 4.08 5.13 -9.48
CA GLY B 157 3.33 6.33 -9.82
C GLY B 157 3.93 7.52 -9.10
N SER B 158 3.28 8.66 -9.30
CA SER B 158 3.73 9.89 -8.65
C SER B 158 2.51 10.64 -8.15
N ILE B 159 2.69 11.43 -7.09
CA ILE B 159 1.55 12.12 -6.51
C ILE B 159 2.05 13.41 -5.90
N GLU B 160 1.18 14.41 -5.88
CA GLU B 160 1.48 15.74 -5.29
C GLU B 160 1.20 15.75 -3.80
N VAL B 161 2.16 16.23 -3.02
CA VAL B 161 2.01 16.46 -1.57
C VAL B 161 2.04 17.96 -1.37
N VAL B 162 1.02 18.49 -0.68
CA VAL B 162 0.92 19.93 -0.46
C VAL B 162 1.23 20.22 1.01
N GLY B 163 2.24 21.06 1.25
CA GLY B 163 2.62 21.44 2.60
C GLY B 163 2.43 22.93 2.80
N SER B 164 1.87 23.29 3.96
CA SER B 164 1.70 24.68 4.36
C SER B 164 2.27 24.86 5.76
N GLY B 165 2.38 26.12 6.17
CA GLY B 165 2.88 26.35 7.53
C GLY B 165 4.31 25.87 7.64
N GLN B 166 4.61 25.10 8.69
CA GLN B 166 6.00 24.69 8.79
C GLN B 166 6.37 23.57 7.81
N TRP B 167 5.43 23.10 7.01
CA TRP B 167 5.73 22.16 5.93
C TRP B 167 5.75 22.85 4.58
N HIS B 168 5.72 24.18 4.58
CA HIS B 168 5.87 24.98 3.37
C HIS B 168 7.35 25.32 3.25
N ASN B 169 7.91 25.13 2.05
CA ASN B 169 9.30 25.53 1.78
C ASN B 169 10.28 24.74 2.64
N ILE B 170 10.01 23.43 2.80
CA ILE B 170 10.93 22.58 3.54
C ILE B 170 12.27 22.56 2.84
N ASN B 171 13.34 22.58 3.63
CA ASN B 171 14.70 22.54 3.08
C ASN B 171 14.96 21.14 2.52
N CYS B 172 14.83 21.00 1.20
CA CYS B 172 15.03 19.69 0.57
C CYS B 172 15.35 19.90 -0.90
N LYS B 173 15.87 18.85 -1.52
CA LYS B 173 16.26 18.86 -2.93
C LYS B 173 15.73 17.61 -3.60
N GLU B 174 15.64 17.64 -4.94
CA GLU B 174 15.22 16.46 -5.69
C GLU B 174 16.15 15.31 -5.38
N GLY B 175 15.56 14.15 -5.08
CA GLY B 175 16.32 12.98 -4.69
C GLY B 175 16.36 12.72 -3.19
N ASP B 176 16.10 13.73 -2.37
CA ASP B 176 15.95 13.50 -0.93
C ASP B 176 14.70 12.66 -0.67
N LYS B 177 14.61 12.14 0.55
CA LYS B 177 13.46 11.37 0.98
C LYS B 177 12.64 12.18 1.97
N LEU B 178 11.34 12.28 1.70
CA LEU B 178 10.39 12.92 2.61
C LEU B 178 9.70 11.84 3.42
N HIS B 179 9.82 11.94 4.74
CA HIS B 179 9.10 11.08 5.68
C HIS B 179 7.81 11.78 6.07
N LEU B 180 6.68 11.25 5.61
CA LEU B 180 5.39 11.89 5.80
C LEU B 180 4.62 11.19 6.91
N PHE B 181 4.11 11.97 7.86
CA PHE B 181 3.33 11.47 8.98
C PHE B 181 1.96 12.13 8.96
N CYS B 182 0.91 11.31 8.90
CA CYS B 182 -0.48 11.76 9.01
C CYS B 182 -0.79 12.85 7.98
N PHE B 183 -0.69 12.47 6.70
CA PHE B 183 -1.15 13.29 5.60
C PHE B 183 -2.48 12.77 5.09
N HIS B 184 -3.28 13.66 4.49
CA HIS B 184 -4.67 13.41 4.19
C HIS B 184 -4.90 13.35 2.69
N LEU B 185 -5.57 12.29 2.23
CA LEU B 185 -5.87 12.18 0.81
C LEU B 185 -7.04 13.08 0.43
N LYS B 186 -6.86 13.87 -0.63
CA LYS B 186 -7.90 14.73 -1.18
C LYS B 186 -7.93 14.55 -2.69
N ARG B 187 -9.04 14.95 -3.29
CA ARG B 187 -9.19 14.87 -4.74
C ARG B 187 -9.59 16.23 -5.28
N GLU B 188 -8.83 16.71 -6.27
CA GLU B 188 -9.03 18.03 -6.86
C GLU B 188 -8.98 17.86 -8.37
N ARG B 189 -10.07 18.23 -9.05
CA ARG B 189 -10.23 17.97 -10.47
C ARG B 189 -10.05 16.48 -10.77
N GLY B 190 -10.56 15.63 -9.88
CA GLY B 190 -10.43 14.20 -10.02
C GLY B 190 -9.06 13.63 -9.71
N GLN B 191 -8.05 14.49 -9.49
CA GLN B 191 -6.68 14.05 -9.25
C GLN B 191 -6.44 13.87 -7.75
N PRO B 192 -5.95 12.72 -7.29
CA PRO B 192 -5.65 12.57 -5.87
C PRO B 192 -4.36 13.29 -5.50
N LYS B 193 -4.34 13.82 -4.27
CA LYS B 193 -3.16 14.46 -3.72
C LYS B 193 -3.16 14.26 -2.21
N LEU B 194 -1.99 14.41 -1.60
CA LEU B 194 -1.87 14.35 -0.15
C LEU B 194 -1.69 15.76 0.38
N VAL B 195 -2.41 16.10 1.45
CA VAL B 195 -2.31 17.45 2.01
C VAL B 195 -2.06 17.37 3.50
N CYS B 196 -1.41 18.41 4.04
CA CYS B 196 -1.15 18.37 5.46
C CYS B 196 -2.42 18.72 6.25
N GLY B 197 -2.44 18.29 7.51
CA GLY B 197 -3.51 18.58 8.44
C GLY B 197 -2.93 19.05 9.75
N ASP B 198 -3.76 19.16 10.80
CA ASP B 198 -3.28 19.73 12.06
C ASP B 198 -2.09 18.96 12.65
N HIS B 199 -2.06 17.63 12.47
CA HIS B 199 -1.06 16.81 13.12
C HIS B 199 -0.03 16.24 12.16
N SER B 200 0.03 16.75 10.93
CA SER B 200 1.06 16.29 10.00
C SER B 200 2.48 16.63 10.50
N PHE B 201 3.44 15.84 10.03
CA PHE B 201 4.85 15.99 10.32
C PHE B 201 5.65 15.54 9.12
N VAL B 202 6.79 16.20 8.87
CA VAL B 202 7.69 15.84 7.78
C VAL B 202 9.11 15.83 8.31
N LYS B 203 9.84 14.76 8.02
CA LYS B 203 11.27 14.68 8.25
C LYS B 203 11.94 14.47 6.90
N VAL B 204 13.12 15.06 6.72
CA VAL B 204 13.88 14.95 5.47
C VAL B 204 15.15 14.16 5.75
N THR B 205 15.44 13.18 4.89
CA THR B 205 16.73 12.50 4.90
C THR B 205 17.41 12.75 3.56
N LYS B 206 18.68 13.13 3.61
CA LYS B 206 19.38 13.58 2.43
C LYS B 206 19.88 12.40 1.60
N ALA B 207 20.32 12.71 0.39
CA ALA B 207 20.86 11.70 -0.51
C ALA B 207 22.39 11.74 -0.51
C1 PEG C . -1.05 2.79 -13.44
O1 PEG C . -0.08 2.00 -14.05
C2 PEG C . -1.15 2.46 -11.95
O2 PEG C . -2.24 3.13 -11.38
C3 PEG C . -2.93 2.32 -10.45
C4 PEG C . -4.27 2.96 -10.08
O4 PEG C . -4.08 3.90 -9.05
C1 PEG D . 2.52 -9.85 -9.64
O1 PEG D . 1.82 -9.56 -8.46
C2 PEG D . 3.94 -10.36 -9.37
O2 PEG D . 3.96 -11.43 -8.47
C3 PEG D . 3.79 -12.70 -9.03
C4 PEG D . 4.91 -13.63 -8.59
O4 PEG D . 4.41 -14.74 -7.91
C1 PEG E . -15.47 -8.13 -13.16
O1 PEG E . -15.33 -9.51 -13.28
C2 PEG E . -14.74 -7.45 -14.31
O2 PEG E . -13.50 -8.05 -14.49
C3 PEG E . -12.85 -8.36 -13.30
C4 PEG E . -12.01 -9.63 -13.48
O4 PEG E . -10.90 -9.60 -12.66
C1 EDO F . 1.82 0.87 -11.12
O1 EDO F . 1.67 1.13 -12.50
C2 EDO F . 1.17 -0.47 -10.78
O2 EDO F . -0.20 -0.41 -11.07
C1 EDO G . 5.40 -23.80 -3.88
O1 EDO G . 5.04 -24.08 -5.21
C2 EDO G . 4.38 -24.43 -2.93
O2 EDO G . 4.61 -23.95 -1.63
C1 EDO H . -16.62 -6.61 -9.59
O1 EDO H . -16.18 -7.19 -10.77
C2 EDO H . -17.32 -7.67 -8.75
O2 EDO H . -16.71 -8.91 -8.96
C1 EDO I . 11.43 6.15 -10.31
O1 EDO I . 10.26 6.47 -11.01
C2 EDO I . 11.08 5.79 -8.87
O2 EDO I . 12.10 5.03 -8.29
C1 EDO J . -14.09 -16.24 7.06
O1 EDO J . -12.73 -16.49 6.83
C2 EDO J . -14.55 -17.02 8.28
O2 EDO J . -15.84 -16.59 8.65
C1 EDO K . -19.66 -10.40 -3.60
O1 EDO K . -19.32 -10.45 -4.96
C2 EDO K . -19.07 -11.62 -2.89
O2 EDO K . -19.07 -11.40 -1.51
C1 EDO L . 2.61 -6.28 -6.46
O1 EDO L . 1.50 -5.60 -5.93
C2 EDO L . 2.48 -7.77 -6.23
O2 EDO L . 2.76 -8.11 -4.90
C1 EDO M . -6.61 -17.88 -26.55
O1 EDO M . -5.54 -17.15 -26.06
C2 EDO M . -7.23 -18.77 -25.47
O2 EDO M . -6.42 -19.86 -25.22
C1 EDO N . 0.89 -11.83 -6.39
O1 EDO N . 0.37 -10.58 -6.68
C2 EDO N . 2.40 -11.71 -6.25
O2 EDO N . 2.95 -12.99 -6.27
C1 EDO O . 9.28 2.34 -27.70
O1 EDO O . 10.59 1.85 -27.71
C2 EDO O . 9.18 3.45 -26.65
O2 EDO O . 9.14 2.88 -25.37
C1 EDO P . 16.65 -5.19 -12.99
O1 EDO P . 15.91 -4.15 -12.41
C2 EDO P . 16.73 -6.37 -12.01
O2 EDO P . 17.38 -5.99 -10.84
C1 EDO Q . 12.43 -0.91 -21.37
O1 EDO Q . 13.54 -0.60 -22.17
C2 EDO Q . 12.75 -0.71 -19.89
O2 EDO Q . 13.42 0.52 -19.72
C1 EDO R . 10.93 -3.41 -32.55
O1 EDO R . 10.02 -4.20 -31.82
C2 EDO R . 11.13 -2.08 -31.83
O2 EDO R . 11.61 -2.31 -30.53
C1 EDO S . 1.82 4.41 -21.33
O1 EDO S . 2.74 4.81 -20.36
C2 EDO S . 0.93 3.31 -20.75
O2 EDO S . 0.23 3.80 -19.64
C1 EDO T . -8.93 -23.75 7.73
O1 EDO T . -7.65 -24.28 7.62
C2 EDO T . -8.82 -22.39 8.40
O2 EDO T . -10.04 -22.01 8.95
C1 PGE U . -4.04 -1.33 -10.52
O1 PGE U . -5.13 -0.46 -10.48
C2 PGE U . -2.97 -0.86 -9.53
O2 PGE U . -2.44 -2.00 -8.95
C3 PGE U . -1.38 -1.74 -8.09
C4 PGE U . -1.07 -3.02 -7.34
O4 PGE U . 0.17 -2.98 -4.94
C6 PGE U . -1.15 -2.58 -4.74
C5 PGE U . -2.12 -3.60 -5.33
O3 PGE U . -2.22 -3.47 -6.70
C1 PEG V . 3.17 -8.74 22.50
O1 PEG V . 1.86 -8.71 22.04
C2 PEG V . 4.15 -8.18 21.48
O2 PEG V . 5.02 -7.30 22.09
C3 PEG V . 4.35 -6.37 22.88
C4 PEG V . 4.28 -6.84 24.33
O4 PEG V . 5.48 -7.44 24.68
C1 PEG W . 9.14 7.00 8.64
O1 PEG W . 10.34 7.50 9.10
C2 PEG W . 8.24 8.16 8.29
O2 PEG W . 7.06 7.67 7.73
C3 PEG W . 6.00 7.72 8.60
C4 PEG W . 5.77 6.32 9.15
O4 PEG W . 5.84 6.36 10.53
C1 PGE X . 0.12 2.78 5.60
O1 PGE X . 1.26 2.15 5.08
C2 PGE X . 0.17 4.30 5.41
O2 PGE X . -0.75 4.91 6.29
C3 PGE X . -0.82 4.30 7.55
C4 PGE X . -2.01 4.80 8.37
O4 PGE X . -5.99 5.61 9.14
C6 PGE X . -4.63 5.52 8.81
C5 PGE X . -4.07 4.18 9.28
O3 PGE X . -3.01 3.81 8.44
C1 EDO Y . -6.00 16.53 21.09
O1 EDO Y . -6.44 15.63 20.10
C2 EDO Y . -6.19 15.90 22.47
O2 EDO Y . -5.60 16.71 23.45
C1 EDO Z . -1.53 0.25 10.38
O1 EDO Z . -1.86 1.59 10.13
C2 EDO Z . -2.43 -0.31 11.47
O2 EDO Z . -3.77 -0.17 11.11
C1 EDO AA . -7.54 18.80 5.28
O1 EDO AA . -6.38 19.46 5.68
C2 EDO AA . -7.64 17.46 6.00
O2 EDO AA . -7.34 17.64 7.35
C1 EDO BA . 8.60 25.98 14.08
O1 EDO BA . 7.88 26.23 12.91
C2 EDO BA . 7.62 25.49 15.15
O2 EDO BA . 8.34 24.86 16.17
C1 EDO CA . -8.54 -2.62 24.38
O1 EDO CA . -9.80 -2.20 24.77
C2 EDO CA . -7.51 -1.86 25.19
O2 EDO CA . -6.29 -2.52 25.10
C1 EDO DA . 9.94 22.67 9.70
O1 EDO DA . 10.02 21.92 8.52
C2 EDO DA . 9.71 21.76 10.90
O2 EDO DA . 9.37 22.53 12.02
C1 EDO EA . -7.95 -2.20 19.06
O1 EDO EA . -7.96 -0.95 18.42
C2 EDO EA . -6.55 -2.47 19.60
O2 EDO EA . -6.08 -1.33 20.25
C1 EDO FA . 10.98 18.16 11.14
O1 EDO FA . 11.98 17.33 10.62
C2 EDO FA . 11.55 19.06 12.22
O2 EDO FA . 12.27 20.08 11.59
C1 EDO GA . -3.43 -3.65 13.02
O1 EDO GA . -3.44 -2.36 13.57
C2 EDO GA . -4.72 -4.37 13.41
O2 EDO GA . -4.62 -5.71 13.03
C1 EDO HA . -1.21 -5.79 28.92
O1 EDO HA . -0.16 -6.69 29.15
C2 EDO HA . -2.47 -6.24 29.64
O2 EDO HA . -3.57 -5.96 28.82
#